data_4KN6
#
_entry.id   4KN6
#
_cell.length_a   46.858
_cell.length_b   73.400
_cell.length_c   109.134
_cell.angle_alpha   90.00
_cell.angle_beta   90.00
_cell.angle_gamma   90.00
#
_symmetry.space_group_name_H-M   'I 2 2 2'
#
loop_
_entity.id
_entity.type
_entity.pdbx_description
1 polymer 'Hypoxanthine-guanine phosphoribosyltransferase'
2 non-polymer 6-fluoro-3-oxo-4-(5-O-phosphono-beta-D-ribofuranosyl)-3,4-dihydropyrazine-2-carboxamide
3 water water
#
_entity_poly.entity_id   1
_entity_poly.type   'polypeptide(L)'
_entity_poly.pdbx_seq_one_letter_code
;TRSPGVVISDDEPGYDLDLFCIPNHYAEDLERVFIPHGLIMDRTERLARDVMKEMGGHHIVALCVLKGGYKFFADLLDYI
KALNRNSDRSIPMTVDFIRLKSYCNDQSTGDIKVIGGDDLSTLTGKNVLIVEDIIDTGKTMQTLLSLVRQYNPKMVKVAS
LLVKRTPRSVGYKPDFVGFEIPDKFVVGYALDYNEYFRDLNHVCVISETGKAKYKA
;
_entity_poly.pdbx_strand_id   A
#
loop_
_chem_comp.id
_chem_comp.type
_chem_comp.name
_chem_comp.formula
1RP non-polymer 6-fluoro-3-oxo-4-(5-O-phosphono-beta-D-ribofuranosyl)-3,4-dihydropyrazine-2-carboxamide 'C10 H13 F N3 O9 P'
#
# COMPACT_ATOMS: atom_id res chain seq x y z
N SER A 3 0.76 12.68 -9.09
CA SER A 3 0.41 11.69 -10.10
C SER A 3 1.34 10.49 -10.04
N PRO A 4 2.65 10.73 -10.07
CA PRO A 4 3.61 9.63 -9.86
C PRO A 4 3.74 9.28 -8.39
N GLY A 5 3.02 10.02 -7.53
CA GLY A 5 3.11 9.82 -6.10
C GLY A 5 4.22 10.65 -5.49
N VAL A 6 4.41 10.52 -4.18
CA VAL A 6 5.54 11.15 -3.50
C VAL A 6 6.79 10.36 -3.88
N VAL A 7 7.68 10.99 -4.63
CA VAL A 7 8.89 10.32 -5.08
C VAL A 7 10.03 10.47 -4.06
N ILE A 8 10.57 9.33 -3.64
CA ILE A 8 11.73 9.30 -2.76
C ILE A 8 12.97 8.95 -3.58
N SER A 9 13.88 9.92 -3.72
CA SER A 9 15.04 9.78 -4.57
C SER A 9 16.05 8.76 -4.03
N ASP A 10 16.84 8.19 -4.93
CA ASP A 10 17.88 7.22 -4.57
C ASP A 10 18.89 7.81 -3.59
N ASP A 11 18.94 9.14 -3.49
CA ASP A 11 19.86 9.79 -2.57
C ASP A 11 19.41 11.23 -2.30
N GLU A 12 19.19 11.61 -1.04
CA GLU A 12 19.34 10.73 0.12
C GLU A 12 17.96 10.37 0.67
N PRO A 13 17.55 9.10 0.53
CA PRO A 13 16.23 8.70 1.01
C PRO A 13 16.25 8.28 2.47
N GLY A 14 15.18 8.57 3.19
CA GLY A 14 14.99 8.01 4.51
C GLY A 14 15.87 8.59 5.60
N TYR A 15 15.25 9.36 6.47
CA TYR A 15 15.90 9.89 7.66
C TYR A 15 16.55 8.77 8.46
N ASP A 16 17.55 9.12 9.27
CA ASP A 16 18.23 8.14 10.11
C ASP A 16 17.31 7.60 11.21
N LEU A 17 17.65 6.44 11.76
CA LEU A 17 16.82 5.78 12.76
C LEU A 17 16.64 6.61 14.02
N ASP A 18 17.66 7.38 14.37
CA ASP A 18 17.68 8.13 15.62
C ASP A 18 16.67 9.27 15.63
N LEU A 19 16.14 9.61 14.47
CA LEU A 19 15.28 10.77 14.33
C LEU A 19 13.80 10.45 14.60
N PHE A 20 13.48 9.16 14.70
CA PHE A 20 12.10 8.75 14.92
C PHE A 20 11.99 7.58 15.89
N CYS A 21 10.91 7.58 16.67
CA CYS A 21 10.70 6.55 17.68
C CYS A 21 10.65 5.17 17.03
N ILE A 22 11.61 4.33 17.40
CA ILE A 22 11.67 2.96 16.91
C ILE A 22 11.87 2.02 18.09
N PRO A 23 11.11 0.91 18.12
CA PRO A 23 11.24 -0.06 19.21
C PRO A 23 12.67 -0.55 19.38
N ASN A 24 13.10 -0.70 20.64
CA ASN A 24 14.49 -1.06 20.94
C ASN A 24 14.87 -2.43 20.38
N HIS A 25 13.91 -3.34 20.29
CA HIS A 25 14.19 -4.69 19.82
C HIS A 25 14.33 -4.78 18.30
N TYR A 26 14.03 -3.69 17.61
CA TYR A 26 14.22 -3.63 16.16
C TYR A 26 15.34 -2.65 15.81
N ALA A 27 16.12 -2.26 16.81
CA ALA A 27 17.15 -1.24 16.63
C ALA A 27 18.20 -1.64 15.60
N GLU A 28 18.48 -2.94 15.51
CA GLU A 28 19.55 -3.43 14.65
C GLU A 28 19.03 -4.11 13.38
N ASP A 29 17.72 -4.37 13.35
CA ASP A 29 17.11 -5.07 12.22
C ASP A 29 16.73 -4.12 11.10
N LEU A 30 16.90 -2.82 11.34
CA LEU A 30 16.60 -1.81 10.35
C LEU A 30 17.84 -0.95 10.11
N GLU A 31 18.00 -0.45 8.89
CA GLU A 31 19.15 0.39 8.56
C GLU A 31 18.73 1.83 8.27
N ARG A 32 17.49 2.03 7.84
CA ARG A 32 17.02 3.36 7.49
C ARG A 32 15.49 3.42 7.42
N VAL A 33 14.93 4.56 7.80
CA VAL A 33 13.49 4.78 7.74
C VAL A 33 13.13 5.57 6.50
N PHE A 34 12.29 5.00 5.65
CA PHE A 34 11.86 5.67 4.42
C PHE A 34 10.66 6.58 4.64
N ILE A 35 9.63 6.05 5.29
CA ILE A 35 8.38 6.77 5.42
C ILE A 35 7.78 6.60 6.82
N PRO A 36 7.91 7.64 7.67
CA PRO A 36 7.29 7.67 9.00
C PRO A 36 5.77 7.46 8.95
N HIS A 37 5.21 6.93 10.02
CA HIS A 37 3.83 6.47 10.04
C HIS A 37 2.83 7.59 9.72
N GLY A 38 2.99 8.72 10.40
CA GLY A 38 2.12 9.85 10.19
C GLY A 38 2.22 10.42 8.79
N LEU A 39 3.36 10.19 8.14
CA LEU A 39 3.57 10.65 6.78
C LEU A 39 2.76 9.79 5.82
N ILE A 40 2.75 8.48 6.08
CA ILE A 40 1.93 7.56 5.32
C ILE A 40 0.46 7.94 5.49
N MET A 41 0.10 8.32 6.71
CA MET A 41 -1.26 8.70 7.04
C MET A 41 -1.74 9.86 6.17
N ASP A 42 -0.98 10.95 6.20
CA ASP A 42 -1.35 12.17 5.47
C ASP A 42 -1.41 11.93 3.96
N ARG A 43 -0.53 11.09 3.46
CA ARG A 43 -0.50 10.77 2.04
C ARG A 43 -1.72 9.92 1.67
N THR A 44 -2.03 8.94 2.52
CA THR A 44 -3.18 8.06 2.29
C THR A 44 -4.48 8.86 2.29
N GLU A 45 -4.57 9.84 3.18
CA GLU A 45 -5.75 10.68 3.27
C GLU A 45 -6.05 11.33 1.93
N ARG A 46 -5.02 11.94 1.32
CA ARG A 46 -5.20 12.57 0.02
C ARG A 46 -5.50 11.52 -1.04
N LEU A 47 -5.01 10.31 -0.82
CA LEU A 47 -5.27 9.20 -1.72
C LEU A 47 -6.75 8.83 -1.70
N ALA A 48 -7.38 9.00 -0.55
CA ALA A 48 -8.81 8.75 -0.42
C ALA A 48 -9.60 9.76 -1.24
N ARG A 49 -9.11 10.99 -1.27
CA ARG A 49 -9.77 12.05 -2.03
C ARG A 49 -9.54 11.83 -3.53
N ASP A 50 -8.31 11.55 -3.91
CA ASP A 50 -7.98 11.29 -5.31
C ASP A 50 -8.87 10.18 -5.85
N VAL A 51 -9.08 9.16 -5.03
CA VAL A 51 -9.91 8.03 -5.40
C VAL A 51 -11.38 8.46 -5.58
N MET A 52 -11.89 9.18 -4.58
CA MET A 52 -13.30 9.54 -4.57
C MET A 52 -13.67 10.42 -5.74
N LYS A 53 -12.72 11.24 -6.20
CA LYS A 53 -12.98 12.15 -7.31
C LYS A 53 -12.72 11.48 -8.65
N GLU A 54 -12.17 10.27 -8.61
CA GLU A 54 -11.95 9.48 -9.81
C GLU A 54 -13.10 8.49 -10.00
N MET A 55 -13.93 8.36 -8.97
CA MET A 55 -15.03 7.40 -8.99
C MET A 55 -16.18 7.92 -8.12
N GLY A 56 -17.21 8.46 -8.78
CA GLY A 56 -18.33 9.04 -8.06
C GLY A 56 -19.57 8.14 -8.05
N HIS A 58 -19.36 6.88 -8.41
CA HIS A 58 -20.46 5.90 -8.47
C HIS A 58 -20.17 4.75 -7.52
N HIS A 59 -21.06 4.53 -6.56
CA HIS A 59 -20.94 3.45 -5.57
C HIS A 59 -19.88 2.43 -5.96
N ILE A 60 -18.86 2.31 -5.13
CA ILE A 60 -17.70 1.48 -5.46
C ILE A 60 -17.64 0.19 -4.65
N VAL A 61 -16.80 -0.73 -5.12
CA VAL A 61 -16.54 -1.98 -4.43
C VAL A 61 -15.06 -2.02 -4.06
N ALA A 62 -14.76 -1.88 -2.78
CA ALA A 62 -13.38 -1.89 -2.33
C ALA A 62 -12.83 -3.32 -2.27
N LEU A 63 -12.16 -3.74 -3.34
CA LEU A 63 -11.56 -5.07 -3.40
C LEU A 63 -10.18 -5.05 -2.76
N CYS A 64 -10.12 -5.40 -1.49
CA CYS A 64 -8.87 -5.33 -0.74
C CYS A 64 -8.04 -6.60 -0.89
N VAL A 65 -6.93 -6.48 -1.61
CA VAL A 65 -5.99 -7.59 -1.73
C VAL A 65 -5.58 -8.00 -0.32
N LEU A 66 -5.70 -9.28 -0.02
CA LEU A 66 -5.49 -9.76 1.33
C LEU A 66 -4.38 -10.79 1.39
N LYS A 67 -3.32 -10.47 2.13
CA LYS A 67 -2.25 -11.43 2.39
C LYS A 67 -2.05 -11.59 3.89
N GLY A 68 -1.01 -10.97 4.43
CA GLY A 68 -0.72 -11.06 5.86
C GLY A 68 -1.07 -9.81 6.63
N GLY A 69 -1.23 -8.70 5.92
CA GLY A 69 -1.49 -7.42 6.56
C GLY A 69 -2.86 -6.85 6.27
N TYR A 70 -3.20 -5.78 6.97
CA TYR A 70 -4.48 -5.11 6.79
C TYR A 70 -4.38 -3.60 6.88
N LYS A 71 -3.27 -3.09 7.41
CA LYS A 71 -3.16 -1.68 7.80
C LYS A 71 -3.57 -0.70 6.71
N PHE A 72 -2.97 -0.81 5.53
CA PHE A 72 -3.19 0.18 4.49
C PHE A 72 -4.66 0.30 4.12
N PHE A 73 -5.26 -0.78 3.67
CA PHE A 73 -6.66 -0.72 3.22
C PHE A 73 -7.59 -0.42 4.39
N ALA A 74 -7.09 -0.57 5.61
CA ALA A 74 -7.86 -0.21 6.80
C ALA A 74 -7.85 1.29 6.99
N ASP A 75 -6.67 1.89 6.83
CA ASP A 75 -6.53 3.34 6.94
C ASP A 75 -7.24 4.04 5.78
N LEU A 76 -6.89 3.65 4.57
CA LEU A 76 -7.49 4.26 3.38
C LEU A 76 -9.01 4.27 3.47
N LEU A 77 -9.60 3.11 3.76
CA LEU A 77 -11.05 3.01 3.84
C LEU A 77 -11.61 3.83 4.99
N ASP A 78 -10.80 4.06 6.03
CA ASP A 78 -11.22 4.91 7.13
C ASP A 78 -11.37 6.35 6.68
N TYR A 79 -10.42 6.80 5.86
CA TYR A 79 -10.45 8.16 5.35
C TYR A 79 -11.58 8.34 4.34
N ILE A 80 -11.81 7.32 3.52
CA ILE A 80 -12.92 7.34 2.60
C ILE A 80 -14.23 7.44 3.38
N LYS A 81 -14.28 6.76 4.52
CA LYS A 81 -15.45 6.78 5.37
C LYS A 81 -15.62 8.14 6.04
N ALA A 82 -14.51 8.85 6.21
CA ALA A 82 -14.54 10.19 6.78
C ALA A 82 -15.06 11.20 5.77
N LEU A 83 -14.71 11.00 4.51
CA LEU A 83 -15.21 11.86 3.45
C LEU A 83 -16.71 11.69 3.26
N ASN A 84 -17.15 10.43 3.20
CA ASN A 84 -18.57 10.13 3.05
C ASN A 84 -19.39 10.63 4.23
N ARG A 85 -18.73 10.89 5.35
CA ARG A 85 -19.42 11.35 6.55
C ARG A 85 -20.02 12.75 6.37
N ASN A 86 -19.87 13.31 5.18
CA ASN A 86 -20.51 14.57 4.83
C ASN A 86 -21.04 14.58 3.41
N SER A 87 -22.35 14.48 3.26
CA SER A 87 -23.02 14.56 1.94
C SER A 87 -24.33 13.77 1.92
N ASP A 88 -24.26 12.53 1.40
CA ASP A 88 -25.43 11.68 1.30
C ASP A 88 -25.19 10.37 2.03
N SER A 90 -26.25 9.59 2.22
CA SER A 90 -26.13 8.25 2.75
C SER A 90 -25.55 7.36 1.65
N ILE A 91 -24.23 7.38 1.52
CA ILE A 91 -23.55 6.69 0.45
C ILE A 91 -23.17 5.26 0.85
N PRO A 92 -23.65 4.26 0.10
CA PRO A 92 -23.28 2.88 0.39
C PRO A 92 -21.87 2.55 -0.09
N MET A 93 -21.29 1.48 0.42
CA MET A 93 -19.97 1.04 -0.01
C MET A 93 -19.70 -0.38 0.43
N THR A 94 -19.52 -1.27 -0.54
CA THR A 94 -19.21 -2.66 -0.25
C THR A 94 -17.71 -2.91 -0.32
N VAL A 95 -17.16 -3.51 0.72
CA VAL A 95 -15.75 -3.88 0.73
C VAL A 95 -15.65 -5.38 0.56
N ASP A 96 -14.89 -5.81 -0.43
CA ASP A 96 -14.72 -7.22 -0.72
C ASP A 96 -13.27 -7.59 -0.49
N PHE A 97 -12.90 -8.84 -0.77
CA PHE A 97 -11.54 -9.30 -0.54
C PHE A 97 -11.09 -10.33 -1.55
N ILE A 98 -9.78 -10.46 -1.69
CA ILE A 98 -9.18 -11.46 -2.56
C ILE A 98 -7.89 -11.93 -1.89
N ARG A 99 -7.84 -13.22 -1.53
CA ARG A 99 -6.69 -13.76 -0.84
C ARG A 99 -5.67 -14.35 -1.81
N LEU A 100 -4.42 -13.92 -1.66
CA LEU A 100 -3.32 -14.40 -2.49
C LEU A 100 -2.19 -14.95 -1.62
N LYS A 101 -1.43 -15.88 -2.17
CA LYS A 101 -0.29 -16.47 -1.46
C LYS A 101 0.68 -17.09 -2.44
N THR A 122 -20.16 -11.12 -9.25
CA THR A 122 -19.81 -10.54 -7.96
C THR A 122 -19.41 -9.07 -8.15
N LEU A 123 -18.36 -8.85 -8.93
CA LEU A 123 -17.90 -7.51 -9.25
C LEU A 123 -18.43 -7.07 -10.61
N THR A 124 -19.06 -8.00 -11.33
CA THR A 124 -19.57 -7.71 -12.67
C THR A 124 -20.55 -6.55 -12.64
N GLY A 125 -20.34 -5.57 -13.52
CA GLY A 125 -21.17 -4.38 -13.57
C GLY A 125 -21.06 -3.54 -12.31
N LYS A 126 -19.84 -3.48 -11.76
CA LYS A 126 -19.60 -2.71 -10.54
C LYS A 126 -18.35 -1.84 -10.71
N ASN A 127 -18.32 -0.72 -10.01
CA ASN A 127 -17.11 0.11 -9.95
C ASN A 127 -16.16 -0.42 -8.89
N VAL A 128 -15.08 -1.06 -9.33
CA VAL A 128 -14.18 -1.75 -8.41
C VAL A 128 -12.92 -0.93 -8.11
N LEU A 129 -12.40 -1.07 -6.90
CA LEU A 129 -11.18 -0.40 -6.48
C LEU A 129 -10.27 -1.40 -5.79
N ILE A 130 -9.23 -1.83 -6.49
CA ILE A 130 -8.28 -2.78 -5.91
C ILE A 130 -7.30 -2.05 -5.01
N VAL A 131 -7.14 -2.53 -3.78
CA VAL A 131 -6.21 -1.93 -2.84
C VAL A 131 -5.07 -2.90 -2.50
N GLU A 132 -3.86 -2.48 -2.78
CA GLU A 132 -2.67 -3.29 -2.49
C GLU A 132 -1.69 -2.49 -1.64
N ASP A 133 -0.83 -3.18 -0.90
CA ASP A 133 0.14 -2.50 -0.04
C ASP A 133 1.37 -2.05 -0.82
N ILE A 134 1.96 -2.96 -1.61
CA ILE A 134 3.16 -2.62 -2.37
C ILE A 134 3.30 -3.43 -3.65
N ILE A 135 3.77 -2.76 -4.70
CA ILE A 135 4.07 -3.41 -5.97
C ILE A 135 5.58 -3.42 -6.18
N ASP A 136 6.15 -4.60 -6.39
CA ASP A 136 7.58 -4.71 -6.64
C ASP A 136 7.86 -4.95 -8.12
N THR A 137 7.53 -6.16 -8.60
CA THR A 137 7.74 -6.48 -10.01
C THR A 137 6.47 -6.20 -10.83
N GLY A 138 5.31 -6.29 -10.20
CA GLY A 138 4.05 -5.98 -10.86
C GLY A 138 3.24 -7.21 -11.23
N LYS A 139 3.93 -8.31 -11.51
CA LYS A 139 3.27 -9.56 -11.91
C LYS A 139 2.06 -9.86 -11.03
N THR A 140 2.25 -9.82 -9.72
CA THR A 140 1.18 -10.10 -8.77
C THR A 140 -0.09 -9.35 -9.13
N MET A 141 0.02 -8.04 -9.30
CA MET A 141 -1.13 -7.19 -9.59
C MET A 141 -1.59 -7.39 -11.02
N GLN A 142 -0.64 -7.49 -11.95
CA GLN A 142 -0.96 -7.69 -13.35
C GLN A 142 -1.85 -8.93 -13.52
N THR A 143 -1.45 -10.02 -12.86
CA THR A 143 -2.23 -11.25 -12.91
C THR A 143 -3.58 -11.04 -12.25
N LEU A 144 -3.58 -10.23 -11.19
CA LEU A 144 -4.81 -9.93 -10.46
C LEU A 144 -5.78 -9.13 -11.33
N LEU A 145 -5.25 -8.25 -12.16
CA LEU A 145 -6.06 -7.47 -13.07
C LEU A 145 -6.70 -8.34 -14.13
N SER A 146 -5.93 -9.29 -14.66
CA SER A 146 -6.44 -10.21 -15.66
C SER A 146 -7.65 -10.97 -15.12
N LEU A 147 -7.49 -11.59 -13.96
CA LEU A 147 -8.56 -12.37 -13.35
C LEU A 147 -9.83 -11.54 -13.15
N VAL A 148 -9.65 -10.27 -12.79
CA VAL A 148 -10.78 -9.39 -12.53
C VAL A 148 -11.43 -8.92 -13.83
N ARG A 149 -10.63 -8.64 -14.85
CA ARG A 149 -11.14 -8.20 -16.14
C ARG A 149 -12.11 -9.23 -16.73
N GLN A 150 -11.87 -10.49 -16.42
CA GLN A 150 -12.69 -11.58 -16.94
C GLN A 150 -14.15 -11.45 -16.50
N TYR A 151 -14.37 -10.85 -15.34
CA TYR A 151 -15.73 -10.69 -14.82
C TYR A 151 -16.41 -9.45 -15.38
N ASN A 152 -15.68 -8.69 -16.19
CA ASN A 152 -16.23 -7.53 -16.89
C ASN A 152 -16.98 -6.56 -15.96
N PRO A 153 -16.23 -5.93 -15.03
CA PRO A 153 -16.77 -4.85 -14.20
C PRO A 153 -16.92 -3.57 -15.01
N LYS A 154 -17.63 -2.59 -14.49
CA LYS A 154 -17.85 -1.34 -15.21
C LYS A 154 -16.53 -0.58 -15.37
N MET A 155 -15.73 -0.56 -14.31
CA MET A 155 -14.38 0.00 -14.37
C MET A 155 -13.55 -0.49 -13.19
N VAL A 156 -12.26 -0.66 -13.40
CA VAL A 156 -11.37 -1.11 -12.35
C VAL A 156 -10.14 -0.22 -12.26
N LYS A 157 -9.95 0.39 -11.10
CA LYS A 157 -8.76 1.17 -10.83
C LYS A 157 -8.03 0.59 -9.62
N VAL A 158 -6.71 0.76 -9.59
CA VAL A 158 -5.90 0.17 -8.55
C VAL A 158 -5.21 1.24 -7.72
N ALA A 159 -5.17 1.02 -6.41
CA ALA A 159 -4.46 1.90 -5.49
C ALA A 159 -3.36 1.12 -4.79
N SER A 160 -2.17 1.69 -4.74
CA SER A 160 -1.03 1.03 -4.11
C SER A 160 -0.21 2.04 -3.32
N LEU A 161 -0.12 1.84 -2.01
CA LEU A 161 0.63 2.75 -1.16
C LEU A 161 2.06 2.93 -1.66
N LEU A 162 2.67 1.84 -2.09
CA LEU A 162 4.07 1.86 -2.49
C LEU A 162 4.28 1.25 -3.88
N VAL A 163 5.11 1.92 -4.68
CA VAL A 163 5.51 1.41 -5.98
C VAL A 163 7.02 1.54 -6.12
N LYS A 164 7.70 0.40 -6.14
CA LYS A 164 9.15 0.38 -6.12
C LYS A 164 9.76 0.58 -7.50
N ARG A 165 10.68 1.54 -7.60
CA ARG A 165 11.47 1.72 -8.82
C ARG A 165 12.48 0.59 -8.93
N THR A 166 12.31 -0.27 -9.92
CA THR A 166 13.20 -1.41 -10.07
C THR A 166 13.14 -1.97 -11.48
N PRO A 167 14.30 -2.39 -12.01
CA PRO A 167 14.37 -2.99 -13.36
C PRO A 167 13.67 -4.35 -13.42
N ARG A 168 13.31 -4.88 -12.25
CA ARG A 168 12.61 -6.16 -12.17
C ARG A 168 11.11 -5.98 -12.41
N SER A 169 10.68 -4.73 -12.56
CA SER A 169 9.27 -4.44 -12.79
C SER A 169 8.88 -4.73 -14.24
N VAL A 170 7.60 -5.04 -14.45
CA VAL A 170 7.12 -5.41 -15.77
C VAL A 170 6.51 -4.23 -16.52
N GLY A 171 6.42 -3.08 -15.86
CA GLY A 171 5.96 -1.87 -16.49
C GLY A 171 4.60 -1.39 -16.04
N TYR A 172 3.85 -2.26 -15.37
CA TYR A 172 2.51 -1.90 -14.91
C TYR A 172 2.56 -0.78 -13.88
N LYS A 173 1.71 0.22 -14.07
CA LYS A 173 1.64 1.35 -13.14
C LYS A 173 0.24 1.48 -12.58
N PRO A 174 0.12 1.62 -11.25
CA PRO A 174 -1.20 1.78 -10.63
C PRO A 174 -1.87 3.09 -11.03
N ASP A 175 -3.18 3.18 -10.79
CA ASP A 175 -3.93 4.41 -11.04
C ASP A 175 -3.72 5.41 -9.91
N PHE A 176 -3.49 4.90 -8.70
CA PHE A 176 -3.20 5.75 -7.55
C PHE A 176 -1.99 5.21 -6.81
N VAL A 177 -0.99 6.06 -6.59
CA VAL A 177 0.21 5.66 -5.90
C VAL A 177 0.47 6.54 -4.68
N GLY A 178 0.81 5.92 -3.56
CA GLY A 178 1.12 6.65 -2.35
C GLY A 178 2.52 7.22 -2.40
N PHE A 179 3.50 6.34 -2.53
CA PHE A 179 4.90 6.72 -2.58
C PHE A 179 5.63 5.87 -3.61
N GLU A 180 6.70 6.42 -4.17
CA GLU A 180 7.61 5.67 -5.02
C GLU A 180 8.96 5.60 -4.31
N ILE A 181 9.50 4.40 -4.14
CA ILE A 181 10.69 4.22 -3.31
C ILE A 181 11.78 3.45 -4.02
N PRO A 182 13.04 3.60 -3.54
CA PRO A 182 14.19 2.89 -4.09
C PRO A 182 14.00 1.37 -4.07
N ASP A 183 14.81 0.65 -4.82
CA ASP A 183 14.68 -0.80 -4.89
C ASP A 183 15.30 -1.44 -3.65
N LYS A 184 14.60 -1.33 -2.53
CA LYS A 184 15.03 -1.92 -1.28
C LYS A 184 13.86 -2.70 -0.68
N PHE A 185 14.17 -3.74 0.08
CA PHE A 185 13.13 -4.49 0.77
C PHE A 185 12.79 -3.80 2.08
N VAL A 186 11.59 -3.22 2.15
CA VAL A 186 11.16 -2.51 3.34
C VAL A 186 10.15 -3.31 4.15
N VAL A 187 10.01 -2.94 5.41
CA VAL A 187 9.04 -3.55 6.30
C VAL A 187 8.36 -2.45 7.11
N GLY A 188 7.31 -2.80 7.83
CA GLY A 188 6.64 -1.85 8.70
C GLY A 188 5.30 -1.36 8.19
N TYR A 189 4.61 -0.60 9.03
CA TYR A 189 3.25 -0.15 8.74
C TYR A 189 2.32 -1.32 8.45
N ALA A 190 2.37 -1.83 7.22
CA ALA A 190 1.52 -2.95 6.82
C ALA A 190 2.34 -4.13 6.32
N LEU A 191 3.64 -3.92 6.14
CA LEU A 191 4.51 -4.95 5.60
C LEU A 191 5.25 -5.67 6.72
N ASP A 192 5.38 -6.99 6.59
CA ASP A 192 6.04 -7.79 7.60
C ASP A 192 7.22 -8.55 6.99
N TYR A 193 7.86 -9.37 7.81
CA TYR A 193 8.92 -10.24 7.32
C TYR A 193 8.89 -11.53 8.12
N ASN A 194 8.20 -12.52 7.59
CA ASN A 194 7.96 -13.78 8.29
C ASN A 194 7.22 -13.51 9.59
N GLU A 195 6.12 -12.77 9.49
CA GLU A 195 5.25 -12.47 10.63
C GLU A 195 5.89 -11.51 11.62
N TYR A 196 7.00 -10.88 11.22
CA TYR A 196 7.67 -9.91 12.08
C TYR A 196 7.47 -8.49 11.58
N PHE A 197 7.98 -7.52 12.34
CA PHE A 197 7.80 -6.11 12.04
C PHE A 197 6.34 -5.70 11.90
N ARG A 198 5.45 -6.33 12.67
CA ARG A 198 4.03 -6.01 12.63
C ARG A 198 3.77 -4.78 13.51
N ASP A 199 4.51 -4.70 14.61
CA ASP A 199 4.39 -3.58 15.55
C ASP A 199 5.27 -2.41 15.15
N LEU A 200 5.88 -2.49 13.97
CA LEU A 200 6.65 -1.38 13.42
C LEU A 200 5.77 -0.54 12.50
N ASN A 201 5.48 0.69 12.91
CA ASN A 201 4.58 1.55 12.16
C ASN A 201 5.27 2.30 11.02
N HIS A 202 6.61 2.35 11.04
CA HIS A 202 7.38 3.03 10.02
C HIS A 202 7.77 2.08 8.90
N VAL A 203 7.67 2.54 7.66
CA VAL A 203 8.19 1.78 6.53
C VAL A 203 9.70 2.00 6.46
N CYS A 204 10.46 0.97 6.82
CA CYS A 204 11.91 1.08 6.90
C CYS A 204 12.57 -0.02 6.10
N VAL A 205 13.86 0.17 5.82
CA VAL A 205 14.66 -0.84 5.13
C VAL A 205 15.20 -1.83 6.14
N ILE A 206 14.91 -3.12 5.93
CA ILE A 206 15.44 -4.16 6.80
C ILE A 206 16.93 -4.35 6.54
N SER A 207 17.70 -4.47 7.61
CA SER A 207 19.15 -4.66 7.48
C SER A 207 19.49 -6.14 7.36
N GLU A 208 20.75 -6.43 7.12
CA GLU A 208 21.18 -7.82 6.95
C GLU A 208 21.12 -8.58 8.28
N THR A 209 21.27 -7.87 9.38
CA THR A 209 21.14 -8.48 10.70
C THR A 209 19.73 -9.01 10.89
N GLY A 210 18.75 -8.26 10.38
CA GLY A 210 17.36 -8.61 10.54
C GLY A 210 16.96 -9.77 9.64
N LYS A 211 17.48 -9.77 8.42
CA LYS A 211 17.16 -10.83 7.46
C LYS A 211 17.61 -12.18 7.99
N ALA A 212 18.81 -12.23 8.56
CA ALA A 212 19.36 -13.48 9.08
C ALA A 212 18.68 -13.86 10.38
N LYS A 213 18.36 -12.85 11.18
CA LYS A 213 17.74 -13.07 12.49
C LYS A 213 16.35 -13.68 12.33
N TYR A 214 15.52 -13.03 11.51
CA TYR A 214 14.14 -13.44 11.34
C TYR A 214 13.94 -14.37 10.16
N LYS A 215 15.03 -14.98 9.69
CA LYS A 215 14.96 -15.96 8.61
C LYS A 215 14.05 -17.11 9.01
N ALA A 216 13.32 -17.65 8.05
CA ALA A 216 12.37 -18.72 8.31
C ALA A 216 13.09 -20.01 8.70
OAG 1RP B . 4.47 -9.31 -7.79
PAX 1RP B . 5.24 -8.22 -6.99
OAH 1RP B . 4.93 -6.87 -7.53
OAC 1RP B . 6.73 -8.46 -7.12
O5' 1RP B . 4.86 -8.30 -5.48
C5' 1RP B . 5.46 -9.27 -4.72
C4' 1RP B . 4.95 -9.44 -3.38
O4' 1RP B . 5.97 -9.21 -2.43
C3' 1RP B . 3.90 -8.43 -3.13
O3' 1RP B . 2.69 -9.04 -3.03
C2' 1RP B . 4.26 -7.81 -1.88
O2' 1RP B . 3.16 -7.74 -1.07
C1' 1RP B . 5.28 -8.71 -1.30
NAW 1RP B . 6.12 -7.97 -0.43
CAQ 1RP B . 7.03 -7.14 -0.95
OAD 1RP B . 7.14 -7.03 -2.36
CAJ 1RP B . 6.00 -8.09 0.90
CAP 1RP B . 6.82 -7.35 1.75
FAI 1RP B . 6.72 -7.45 3.05
NAL 1RP B . 7.73 -6.52 1.21
CAR 1RP B . 7.85 -6.40 -0.11
CAO 1RP B . 8.89 -5.43 -0.69
OAB 1RP B . 8.97 -5.24 -1.95
NAA 1RP B . 9.78 -4.76 0.21
#